data_5B4I
#
_entry.id   5B4I
#
_cell.length_a   70.833
_cell.length_b   95.691
_cell.length_c   42.398
_cell.angle_alpha   90.00
_cell.angle_beta   90.00
_cell.angle_gamma   90.00
#
_symmetry.space_group_name_H-M   'P 21 21 2'
#
loop_
_entity.id
_entity.type
_entity.pdbx_description
1 polymer 'Phycocyanobilin:ferredoxin oxidoreductase'
2 non-polymer 'BILIVERDINE IX ALPHA'
3 water water
#
_entity_poly.entity_id   1
_entity_poly.type   'polypeptide(L)'
_entity_poly.pdbx_seq_one_letter_code
;MAVTDLSLTNSSLMPTLNPMIQQLALAIAASWQSLPLKPYQLPEDLGYVEGRLEGEKLVIENRCYQTPQFRKMHLELAKV
GKGLDDLHCVMFPEPLYGLPLFGCDIVAGPGGVSAAIADLSPTQSDRQLPAAYQKSLAELGQPEFEQQRELPPWGEIFSE
YCLFIRPSNVTEEERFVQRVVDFLQIHCHQSIVAEPLSEAQTLEHRQGQIHYCQQQQKNDKTRRVLEKAFGEAWAERYMS
QVLFDVIQ
;
_entity_poly.pdbx_strand_id   A
#
loop_
_chem_comp.id
_chem_comp.type
_chem_comp.name
_chem_comp.formula
BLA non-polymer 'BILIVERDINE IX ALPHA' 'C33 H34 N4 O6'
#
# COMPACT_ATOMS: atom_id res chain seq x y z
N LEU A 8 10.00 -9.50 -10.38
CA LEU A 8 10.38 -8.11 -10.63
C LEU A 8 11.56 -8.05 -11.58
N THR A 9 12.09 -9.19 -12.06
CA THR A 9 13.28 -9.15 -12.91
C THR A 9 12.96 -8.54 -14.28
N ASN A 10 11.70 -8.46 -14.62
CA ASN A 10 11.17 -7.94 -15.86
C ASN A 10 10.73 -6.48 -15.81
N SER A 11 10.69 -5.95 -14.58
CA SER A 11 10.34 -4.55 -14.38
C SER A 11 11.25 -3.54 -15.09
N SER A 12 10.61 -2.65 -15.84
CA SER A 12 11.34 -1.52 -16.45
C SER A 12 11.82 -0.48 -15.45
N LEU A 13 11.02 -0.25 -14.41
CA LEU A 13 11.27 0.80 -13.45
C LEU A 13 12.21 0.37 -12.35
N MET A 14 12.15 -0.89 -11.91
CA MET A 14 12.92 -1.31 -10.76
C MET A 14 14.38 -0.89 -10.80
N PRO A 15 15.08 -1.12 -11.93
CA PRO A 15 16.52 -0.82 -11.85
C PRO A 15 16.79 0.64 -11.51
N THR A 16 15.87 1.56 -11.66
CA THR A 16 16.12 3.01 -11.53
C THR A 16 15.42 3.61 -10.34
N LEU A 17 14.83 2.78 -9.47
CA LEU A 17 14.13 3.28 -8.31
C LEU A 17 15.06 3.41 -7.13
N ASN A 18 14.68 4.22 -6.18
CA ASN A 18 15.36 4.42 -4.94
C ASN A 18 15.66 3.09 -4.27
N PRO A 19 16.83 2.88 -3.66
CA PRO A 19 17.17 1.58 -3.09
C PRO A 19 16.24 1.07 -2.03
N MET A 20 15.71 1.93 -1.16
N MET A 20 15.68 1.92 -1.15
CA MET A 20 14.72 1.49 -0.20
CA MET A 20 14.73 1.44 -0.17
C MET A 20 13.49 0.91 -0.91
C MET A 20 13.41 1.01 -0.82
N ILE A 21 12.98 1.66 -1.88
CA ILE A 21 11.84 1.21 -2.67
C ILE A 21 12.14 -0.16 -3.28
N GLN A 22 13.31 -0.31 -3.84
N GLN A 22 13.31 -0.37 -3.85
CA GLN A 22 13.67 -1.61 -4.44
CA GLN A 22 13.59 -1.68 -4.45
C GLN A 22 13.54 -2.71 -3.41
C GLN A 22 13.59 -2.80 -3.42
N GLN A 23 14.12 -2.53 -2.22
CA GLN A 23 14.11 -3.57 -1.19
C GLN A 23 12.69 -3.85 -0.76
N LEU A 24 11.85 -2.86 -0.62
CA LEU A 24 10.46 -3.07 -0.23
C LEU A 24 9.72 -3.81 -1.28
N ALA A 25 9.89 -3.46 -2.55
CA ALA A 25 9.21 -4.18 -3.64
C ALA A 25 9.59 -5.65 -3.58
N LEU A 26 10.89 -5.91 -3.41
CA LEU A 26 11.34 -7.30 -3.33
C LEU A 26 10.71 -7.99 -2.18
N ALA A 27 10.64 -7.36 -1.03
CA ALA A 27 10.07 -8.00 0.18
C ALA A 27 8.61 -8.30 0.02
N ILE A 28 7.85 -7.40 -0.61
CA ILE A 28 6.44 -7.65 -0.85
C ILE A 28 6.30 -8.77 -1.83
N ALA A 29 7.00 -8.75 -2.95
CA ALA A 29 6.94 -9.82 -3.92
C ALA A 29 7.29 -11.15 -3.31
N ALA A 30 8.29 -11.18 -2.45
CA ALA A 30 8.72 -12.43 -1.81
C ALA A 30 7.64 -12.94 -0.91
N SER A 31 6.95 -12.05 -0.22
N SER A 31 6.89 -12.08 -0.22
CA SER A 31 5.88 -12.45 0.67
CA SER A 31 5.86 -12.55 0.68
C SER A 31 4.77 -13.12 -0.14
C SER A 31 4.66 -13.07 -0.09
N TRP A 32 4.46 -12.61 -1.32
CA TRP A 32 3.35 -13.10 -2.12
C TRP A 32 3.70 -14.32 -2.95
N GLN A 33 4.98 -14.55 -3.19
CA GLN A 33 5.41 -15.44 -4.27
C GLN A 33 4.83 -16.83 -4.18
N SER A 34 4.71 -17.41 -3.01
CA SER A 34 4.26 -18.80 -2.88
CA SER A 34 4.27 -18.78 -2.83
C SER A 34 2.81 -18.90 -2.45
N LEU A 35 2.07 -17.82 -2.46
CA LEU A 35 0.66 -17.85 -2.12
C LEU A 35 -0.15 -18.45 -3.28
N PRO A 36 -1.41 -18.82 -3.01
CA PRO A 36 -2.28 -19.33 -4.07
C PRO A 36 -2.86 -18.15 -4.87
N LEU A 37 -1.98 -17.53 -5.62
CA LEU A 37 -2.28 -16.35 -6.41
C LEU A 37 -3.06 -16.65 -7.64
N LYS A 38 -3.98 -15.77 -7.97
CA LYS A 38 -4.64 -15.68 -9.25
C LYS A 38 -4.51 -14.24 -9.73
N PRO A 39 -4.60 -14.04 -11.03
CA PRO A 39 -4.60 -12.64 -11.52
C PRO A 39 -5.81 -11.88 -10.98
N TYR A 40 -5.58 -10.57 -10.81
CA TYR A 40 -6.66 -9.64 -10.63
C TYR A 40 -6.52 -8.66 -11.79
N GLN A 41 -7.52 -8.56 -12.64
CA GLN A 41 -7.48 -7.61 -13.76
C GLN A 41 -7.95 -6.25 -13.25
N LEU A 42 -7.03 -5.31 -13.32
CA LEU A 42 -7.38 -3.91 -13.06
C LEU A 42 -8.25 -3.44 -14.18
N PRO A 43 -8.90 -2.26 -14.00
CA PRO A 43 -9.68 -1.70 -15.09
C PRO A 43 -8.86 -1.59 -16.37
N GLU A 44 -9.51 -1.96 -17.48
CA GLU A 44 -8.85 -1.93 -18.78
C GLU A 44 -7.62 -2.82 -18.79
N ASP A 45 -7.53 -3.83 -17.93
CA ASP A 45 -6.41 -4.74 -17.77
CA ASP A 45 -6.40 -4.76 -17.88
C ASP A 45 -5.07 -4.00 -17.74
N LEU A 46 -5.09 -2.92 -16.94
CA LEU A 46 -3.96 -2.07 -16.87
C LEU A 46 -2.69 -2.81 -16.39
N GLY A 47 -1.58 -2.51 -17.01
CA GLY A 47 -0.25 -2.93 -16.57
C GLY A 47 0.61 -1.67 -16.47
N TYR A 48 1.30 -1.35 -17.48
CA TYR A 48 2.15 -0.19 -17.61
C TYR A 48 1.33 1.00 -18.16
N VAL A 49 1.61 2.18 -17.65
CA VAL A 49 0.99 3.38 -18.23
C VAL A 49 1.95 4.53 -18.05
N GLU A 50 1.94 5.42 -19.00
CA GLU A 50 2.70 6.64 -18.93
C GLU A 50 1.86 7.80 -19.49
N GLY A 51 2.13 8.97 -18.97
CA GLY A 51 1.48 10.19 -19.46
C GLY A 51 2.29 11.42 -19.16
N ARG A 52 2.08 12.45 -19.99
CA ARG A 52 2.62 13.76 -19.78
C ARG A 52 1.61 14.77 -20.28
N LEU A 53 1.60 15.93 -19.65
CA LEU A 53 0.85 17.11 -20.14
C LEU A 53 1.91 18.19 -20.39
N GLU A 54 1.97 19.23 -19.59
CA GLU A 54 2.87 20.33 -19.83
C GLU A 54 4.20 20.23 -19.10
N GLY A 55 4.34 19.23 -18.26
CA GLY A 55 5.52 19.11 -17.44
C GLY A 55 6.23 17.77 -17.63
N GLU A 56 6.51 17.12 -16.50
CA GLU A 56 7.23 15.87 -16.50
C GLU A 56 6.35 14.70 -16.86
N LYS A 57 6.92 13.62 -17.33
CA LYS A 57 6.25 12.37 -17.56
CA LYS A 57 6.14 12.42 -17.54
C LYS A 57 6.12 11.54 -16.30
N LEU A 58 5.00 10.90 -16.10
CA LEU A 58 4.75 9.93 -15.07
C LEU A 58 4.66 8.54 -15.71
N VAL A 59 5.40 7.60 -15.16
N VAL A 59 5.43 7.62 -15.16
CA VAL A 59 5.34 6.22 -15.67
CA VAL A 59 5.45 6.23 -15.59
C VAL A 59 5.07 5.30 -14.49
C VAL A 59 5.00 5.37 -14.38
N ILE A 60 4.09 4.42 -14.65
CA ILE A 60 3.58 3.57 -13.63
C ILE A 60 3.58 2.14 -14.08
N GLU A 61 4.00 1.23 -13.24
CA GLU A 61 3.94 -0.19 -13.49
C GLU A 61 3.07 -0.81 -12.40
N ASN A 62 2.07 -1.56 -12.80
CA ASN A 62 1.10 -2.16 -11.92
C ASN A 62 1.22 -3.70 -11.96
N ARG A 63 1.13 -4.31 -10.79
CA ARG A 63 0.99 -5.74 -10.65
C ARG A 63 -0.18 -5.95 -9.68
N CYS A 64 -1.05 -6.93 -9.98
CA CYS A 64 -2.19 -7.12 -9.10
C CYS A 64 -2.64 -8.57 -9.15
N TYR A 65 -2.93 -9.11 -7.97
CA TYR A 65 -3.27 -10.50 -7.74
C TYR A 65 -4.43 -10.58 -6.76
N GLN A 66 -4.90 -11.81 -6.55
CA GLN A 66 -5.87 -12.10 -5.54
C GLN A 66 -5.64 -13.51 -4.98
N THR A 67 -6.16 -13.76 -3.79
CA THR A 67 -6.18 -15.08 -3.21
C THR A 67 -7.53 -15.24 -2.52
N PRO A 68 -7.85 -16.37 -1.93
CA PRO A 68 -9.14 -16.42 -1.19
C PRO A 68 -9.28 -15.48 -0.03
N GLN A 69 -8.17 -15.09 0.61
CA GLN A 69 -8.22 -14.18 1.74
C GLN A 69 -8.08 -12.72 1.36
N PHE A 70 -7.49 -12.46 0.21
CA PHE A 70 -7.20 -11.11 -0.25
C PHE A 70 -7.93 -10.85 -1.57
N ARG A 71 -8.89 -9.93 -1.52
CA ARG A 71 -9.63 -9.55 -2.67
C ARG A 71 -8.76 -9.01 -3.81
N LYS A 72 -7.75 -8.25 -3.42
CA LYS A 72 -6.95 -7.51 -4.40
C LYS A 72 -5.63 -7.20 -3.71
N MET A 73 -4.54 -7.55 -4.40
N MET A 73 -4.51 -7.57 -4.33
CA MET A 73 -3.18 -7.40 -3.92
CA MET A 73 -3.18 -7.34 -3.79
C MET A 73 -2.48 -6.56 -4.99
C MET A 73 -2.37 -6.61 -4.83
N HIS A 74 -2.25 -5.30 -4.68
CA HIS A 74 -1.81 -4.39 -5.70
C HIS A 74 -0.47 -3.79 -5.33
N LEU A 75 0.53 -3.97 -6.18
CA LEU A 75 1.84 -3.36 -6.02
C LEU A 75 2.07 -2.47 -7.21
N GLU A 76 2.27 -1.17 -6.96
CA GLU A 76 2.46 -0.20 -7.99
C GLU A 76 3.80 0.50 -7.78
N LEU A 77 4.54 0.68 -8.85
CA LEU A 77 5.78 1.41 -8.85
C LEU A 77 5.60 2.57 -9.82
N ALA A 78 6.15 3.75 -9.45
CA ALA A 78 5.99 4.90 -10.34
C ALA A 78 7.22 5.81 -10.29
N LYS A 79 7.44 6.51 -11.36
CA LYS A 79 8.47 7.54 -11.40
CA LYS A 79 8.47 7.53 -11.42
C LYS A 79 8.00 8.72 -12.21
N VAL A 80 8.24 9.91 -11.69
CA VAL A 80 7.97 11.17 -12.39
C VAL A 80 9.30 11.74 -12.85
N GLY A 81 9.44 11.88 -14.15
CA GLY A 81 10.73 12.30 -14.70
C GLY A 81 11.84 11.55 -13.99
N LYS A 82 12.83 12.32 -13.58
CA LYS A 82 13.94 11.77 -12.81
C LYS A 82 13.91 12.16 -11.37
N GLY A 83 12.84 12.81 -10.91
CA GLY A 83 12.89 13.36 -9.58
C GLY A 83 11.97 12.79 -8.57
N LEU A 84 10.93 12.08 -8.79
CA LEU A 84 10.11 11.50 -7.74
C LEU A 84 9.86 10.01 -8.09
N ASP A 85 10.05 9.16 -7.13
CA ASP A 85 9.72 7.74 -7.21
C ASP A 85 8.68 7.42 -6.18
N ASP A 86 7.85 6.43 -6.45
CA ASP A 86 6.86 5.97 -5.49
C ASP A 86 6.72 4.45 -5.56
N LEU A 87 6.49 3.89 -4.41
CA LEU A 87 5.94 2.54 -4.26
C LEU A 87 4.63 2.65 -3.49
N HIS A 88 3.62 2.04 -4.04
CA HIS A 88 2.29 1.93 -3.43
C HIS A 88 1.96 0.45 -3.32
N CYS A 89 1.48 0.02 -2.18
CA CYS A 89 1.00 -1.33 -2.08
C CYS A 89 -0.19 -1.36 -1.14
N VAL A 90 -1.26 -2.07 -1.56
CA VAL A 90 -2.34 -2.37 -0.66
C VAL A 90 -2.71 -3.85 -0.89
N MET A 91 -2.92 -4.53 0.24
CA MET A 91 -3.59 -5.85 0.22
C MET A 91 -5.01 -5.62 0.80
N PHE A 92 -5.96 -5.66 -0.11
CA PHE A 92 -7.35 -5.48 0.28
C PHE A 92 -7.90 -6.81 0.71
N PRO A 93 -8.43 -6.92 1.93
CA PRO A 93 -8.90 -8.19 2.39
C PRO A 93 -10.23 -8.57 1.77
N GLU A 94 -10.48 -9.88 1.71
CA GLU A 94 -11.86 -10.34 1.54
C GLU A 94 -12.60 -10.16 2.82
N PRO A 95 -13.71 -9.42 2.85
CA PRO A 95 -14.38 -9.15 4.12
C PRO A 95 -14.80 -10.38 4.89
N LEU A 96 -15.12 -11.47 4.21
CA LEU A 96 -15.56 -12.68 4.87
C LEU A 96 -14.57 -13.17 5.91
N TYR A 97 -13.27 -12.88 5.75
CA TYR A 97 -12.28 -13.33 6.71
C TYR A 97 -11.89 -12.27 7.73
N GLY A 98 -12.29 -11.03 7.58
CA GLY A 98 -12.02 -10.01 8.56
C GLY A 98 -10.61 -9.63 8.82
N LEU A 99 -9.73 -9.80 7.87
CA LEU A 99 -8.37 -9.40 8.03
C LEU A 99 -8.22 -7.87 7.88
N PRO A 100 -7.24 -7.29 8.51
CA PRO A 100 -6.97 -5.86 8.31
C PRO A 100 -6.41 -5.59 6.94
N LEU A 101 -6.26 -4.30 6.61
CA LEU A 101 -5.69 -3.86 5.39
C LEU A 101 -4.18 -3.61 5.56
N PHE A 102 -3.36 -4.27 4.79
CA PHE A 102 -1.95 -3.92 4.71
C PHE A 102 -1.80 -2.84 3.67
N GLY A 103 -1.04 -1.79 4.00
CA GLY A 103 -0.69 -0.79 3.00
C GLY A 103 0.63 -0.18 3.26
N CYS A 104 1.25 0.29 2.18
CA CYS A 104 2.46 1.09 2.33
C CYS A 104 2.55 2.08 1.17
N ASP A 105 3.21 3.21 1.45
CA ASP A 105 3.46 4.21 0.43
C ASP A 105 4.87 4.73 0.77
N ILE A 106 5.75 4.68 -0.19
CA ILE A 106 7.12 5.17 -0.06
CA ILE A 106 7.10 5.22 0.00
C ILE A 106 7.37 6.16 -1.17
N VAL A 107 7.77 7.37 -0.81
CA VAL A 107 8.02 8.45 -1.79
C VAL A 107 9.45 8.87 -1.66
N ALA A 108 10.16 8.97 -2.76
CA ALA A 108 11.55 9.33 -2.76
C ALA A 108 11.83 10.31 -3.89
N GLY A 109 12.88 11.07 -3.69
CA GLY A 109 13.48 11.90 -4.73
C GLY A 109 14.96 11.67 -4.79
N PRO A 110 15.64 12.49 -5.54
CA PRO A 110 17.09 12.29 -5.65
C PRO A 110 17.82 12.48 -4.33
N GLY A 111 17.25 13.23 -3.41
CA GLY A 111 17.81 13.43 -2.09
C GLY A 111 17.40 12.42 -1.05
N GLY A 112 16.76 11.34 -1.51
CA GLY A 112 16.38 10.28 -0.62
C GLY A 112 14.90 10.16 -0.44
N VAL A 113 14.53 9.27 0.49
CA VAL A 113 13.15 9.03 0.81
C VAL A 113 12.58 10.20 1.58
N SER A 114 11.47 10.75 1.15
CA SER A 114 10.82 11.82 1.85
C SER A 114 9.76 11.31 2.80
N ALA A 115 9.07 10.25 2.41
CA ALA A 115 7.94 9.73 3.17
C ALA A 115 7.99 8.22 3.09
N ALA A 116 7.80 7.60 4.24
CA ALA A 116 7.69 6.13 4.33
C ALA A 116 6.53 5.88 5.26
N ILE A 117 5.47 5.26 4.73
CA ILE A 117 4.29 4.96 5.46
C ILE A 117 3.98 3.48 5.35
N ALA A 118 3.67 2.82 6.45
CA ALA A 118 3.21 1.42 6.37
C ALA A 118 2.28 1.17 7.53
N ASP A 119 1.28 0.34 7.28
CA ASP A 119 0.31 0.01 8.30
C ASP A 119 -0.39 -1.30 8.04
N LEU A 120 -0.94 -1.84 9.10
CA LEU A 120 -2.04 -2.82 9.09
C LEU A 120 -3.25 -2.08 9.66
N SER A 121 -4.21 -1.76 8.82
CA SER A 121 -5.26 -0.82 9.19
C SER A 121 -6.55 -1.57 9.49
N PRO A 122 -7.26 -1.12 10.53
CA PRO A 122 -8.46 -1.85 10.98
C PRO A 122 -9.63 -1.74 10.03
N THR A 123 -10.47 -2.76 10.06
CA THR A 123 -11.72 -2.77 9.37
C THR A 123 -12.93 -2.91 10.31
N GLN A 124 -12.75 -3.22 11.58
CA GLN A 124 -13.78 -3.38 12.56
C GLN A 124 -14.43 -2.03 12.85
N SER A 125 -15.69 -2.01 13.26
CA SER A 125 -16.40 -0.80 13.60
C SER A 125 -15.76 -0.06 14.79
N ASP A 126 -15.17 -0.77 15.73
CA ASP A 126 -14.55 -0.20 16.94
C ASP A 126 -13.16 0.36 16.60
N ARG A 127 -12.73 0.25 15.36
CA ARG A 127 -11.47 0.83 14.86
C ARG A 127 -10.23 0.21 15.50
N GLN A 128 -10.38 -1.03 16.00
CA GLN A 128 -9.32 -1.81 16.55
C GLN A 128 -8.94 -2.95 15.60
N LEU A 129 -7.64 -3.24 15.61
CA LEU A 129 -7.17 -4.46 14.95
C LEU A 129 -7.67 -5.69 15.72
N PRO A 130 -7.74 -6.82 15.06
CA PRO A 130 -8.10 -8.03 15.81
C PRO A 130 -7.09 -8.30 16.90
N ALA A 131 -7.51 -8.99 17.96
CA ALA A 131 -6.68 -9.23 19.10
C ALA A 131 -5.33 -9.89 18.77
N ALA A 132 -5.33 -10.83 17.86
CA ALA A 132 -4.11 -11.55 17.51
C ALA A 132 -3.12 -10.57 16.88
N TYR A 133 -3.58 -9.63 16.07
CA TYR A 133 -2.67 -8.64 15.48
C TYR A 133 -2.13 -7.71 16.55
N GLN A 134 -3.02 -7.24 17.46
CA GLN A 134 -2.53 -6.32 18.53
C GLN A 134 -1.38 -6.91 19.28
N LYS A 135 -1.57 -8.19 19.62
CA LYS A 135 -0.53 -8.89 20.39
C LYS A 135 0.76 -9.07 19.60
N SER A 136 0.65 -9.56 18.40
CA SER A 136 1.88 -9.76 17.61
C SER A 136 2.56 -8.45 17.33
N LEU A 137 1.83 -7.38 17.07
CA LEU A 137 2.48 -6.12 16.75
C LEU A 137 3.18 -5.50 17.95
N ALA A 138 2.50 -5.62 19.06
CA ALA A 138 3.06 -5.14 20.35
C ALA A 138 4.37 -5.82 20.61
N GLU A 139 4.51 -7.09 20.31
CA GLU A 139 5.72 -7.88 20.57
C GLU A 139 6.89 -7.48 19.71
N LEU A 140 6.73 -6.71 18.66
CA LEU A 140 7.83 -6.20 17.87
C LEU A 140 8.56 -5.05 18.56
N GLY A 141 7.95 -4.47 19.59
CA GLY A 141 8.64 -3.30 20.18
C GLY A 141 8.31 -1.99 19.50
N GLN A 142 8.42 -0.87 20.24
CA GLN A 142 8.24 0.44 19.65
C GLN A 142 9.53 0.79 18.91
N PRO A 143 9.43 1.00 17.61
CA PRO A 143 10.64 1.32 16.86
C PRO A 143 10.99 2.78 17.09
N GLU A 144 12.29 3.05 16.99
CA GLU A 144 12.72 4.42 17.19
C GLU A 144 13.00 5.01 15.84
N PHE A 145 12.44 6.17 15.56
CA PHE A 145 12.73 6.85 14.33
C PHE A 145 12.88 8.34 14.68
N GLU A 146 13.93 8.96 14.14
CA GLU A 146 14.24 10.32 14.49
C GLU A 146 13.38 11.38 13.85
N GLN A 147 12.73 11.08 12.76
N GLN A 147 12.72 11.15 12.75
CA GLN A 147 11.95 12.09 12.04
CA GLN A 147 11.99 12.13 11.96
C GLN A 147 10.58 11.47 11.74
C GLN A 147 10.56 11.66 11.72
N GLN A 148 9.77 11.52 12.77
CA GLN A 148 8.39 11.13 12.66
C GLN A 148 7.57 12.21 11.99
N ARG A 149 6.55 11.84 11.27
CA ARG A 149 5.63 12.75 10.63
C ARG A 149 4.22 12.49 11.13
N GLU A 150 3.46 13.54 11.34
CA GLU A 150 2.08 13.43 11.80
CA GLU A 150 2.08 13.39 11.81
C GLU A 150 1.14 13.16 10.63
N LEU A 151 0.26 12.18 10.81
CA LEU A 151 -0.70 11.89 9.75
C LEU A 151 -1.64 13.05 9.52
N PRO A 152 -2.10 13.22 8.32
CA PRO A 152 -3.17 14.20 8.03
C PRO A 152 -4.48 13.74 8.60
N PRO A 153 -5.49 14.58 8.72
CA PRO A 153 -6.75 14.16 9.34
C PRO A 153 -7.42 12.93 8.73
N TRP A 154 -7.33 12.76 7.44
CA TRP A 154 -7.95 11.57 6.79
C TRP A 154 -7.25 10.31 7.25
N GLY A 155 -6.08 10.43 7.79
CA GLY A 155 -5.31 9.30 8.27
C GLY A 155 -5.75 8.72 9.60
N GLU A 156 -6.91 9.15 10.08
CA GLU A 156 -7.57 8.47 11.20
C GLU A 156 -7.82 6.98 10.89
N ILE A 157 -7.87 6.62 9.63
CA ILE A 157 -8.05 5.22 9.23
C ILE A 157 -6.90 4.30 9.65
N PHE A 158 -5.74 4.81 9.92
CA PHE A 158 -4.58 3.97 10.19
C PHE A 158 -4.59 3.54 11.65
N SER A 159 -3.97 2.37 11.90
CA SER A 159 -3.88 1.87 13.26
C SER A 159 -2.85 2.64 14.06
N GLU A 160 -2.83 2.31 15.37
CA GLU A 160 -1.80 2.84 16.28
C GLU A 160 -0.41 2.36 15.93
N TYR A 161 -0.25 1.34 15.11
CA TYR A 161 1.05 0.81 14.73
C TYR A 161 1.53 1.42 13.43
N CYS A 162 0.80 2.34 12.85
CA CYS A 162 1.20 2.95 11.58
C CYS A 162 2.54 3.62 11.72
N LEU A 163 3.38 3.44 10.72
CA LEU A 163 4.62 4.16 10.59
C LEU A 163 4.42 5.28 9.57
N PHE A 164 4.96 6.47 9.92
CA PHE A 164 4.98 7.60 8.95
C PHE A 164 6.20 8.41 9.35
N ILE A 165 7.25 8.25 8.55
CA ILE A 165 8.55 8.84 8.83
C ILE A 165 9.17 9.42 7.61
N ARG A 166 10.21 10.25 7.85
CA ARG A 166 11.26 10.47 6.87
C ARG A 166 12.48 9.75 7.36
N PRO A 167 12.96 8.70 6.69
CA PRO A 167 14.12 7.97 7.23
C PRO A 167 15.30 8.94 7.36
N SER A 168 16.06 8.84 8.44
CA SER A 168 17.15 9.79 8.61
C SER A 168 18.52 9.28 8.15
N ASN A 169 18.65 7.95 7.97
CA ASN A 169 19.93 7.31 7.63
C ASN A 169 19.60 5.90 7.21
N VAL A 170 20.66 5.20 6.75
CA VAL A 170 20.50 3.85 6.24
C VAL A 170 20.00 2.93 7.32
N THR A 171 20.46 3.10 8.55
CA THR A 171 19.95 2.26 9.64
C THR A 171 18.43 2.37 9.75
N GLU A 172 17.90 3.56 9.67
CA GLU A 172 16.46 3.74 9.70
C GLU A 172 15.77 3.20 8.48
N GLU A 173 16.34 3.36 7.32
CA GLU A 173 15.73 2.73 6.13
C GLU A 173 15.61 1.24 6.34
N GLU A 174 16.70 0.59 6.84
CA GLU A 174 16.67 -0.84 7.05
C GLU A 174 15.68 -1.23 8.14
N ARG A 175 15.58 -0.41 9.19
CA ARG A 175 14.63 -0.70 10.25
C ARG A 175 13.22 -0.62 9.75
N PHE A 176 12.88 0.34 8.92
CA PHE A 176 11.58 0.47 8.32
C PHE A 176 11.28 -0.78 7.47
N VAL A 177 12.20 -1.13 6.55
CA VAL A 177 11.96 -2.30 5.71
C VAL A 177 11.72 -3.51 6.56
N GLN A 178 12.52 -3.71 7.60
CA GLN A 178 12.33 -4.87 8.44
C GLN A 178 10.98 -4.85 9.12
N ARG A 179 10.51 -3.67 9.52
CA ARG A 179 9.19 -3.61 10.11
C ARG A 179 8.11 -3.99 9.14
N VAL A 180 8.20 -3.59 7.89
CA VAL A 180 7.26 -4.02 6.87
C VAL A 180 7.35 -5.53 6.66
N VAL A 181 8.53 -6.06 6.60
CA VAL A 181 8.69 -7.52 6.48
C VAL A 181 7.97 -8.19 7.65
N ASP A 182 8.10 -7.65 8.85
CA ASP A 182 7.44 -8.19 10.02
C ASP A 182 5.94 -8.04 9.96
N PHE A 183 5.41 -6.92 9.49
CA PHE A 183 3.97 -6.78 9.28
C PHE A 183 3.47 -7.83 8.32
N LEU A 184 4.16 -8.02 7.19
CA LEU A 184 3.71 -8.95 6.20
C LEU A 184 3.75 -10.37 6.76
N GLN A 185 4.75 -10.71 7.55
CA GLN A 185 4.86 -12.03 8.14
C GLN A 185 3.67 -12.32 9.06
N ILE A 186 3.33 -11.37 9.92
CA ILE A 186 2.19 -11.47 10.81
C ILE A 186 0.92 -11.65 9.98
N HIS A 187 0.77 -10.82 8.96
CA HIS A 187 -0.43 -10.81 8.15
C HIS A 187 -0.61 -12.12 7.42
N CYS A 188 0.46 -12.64 6.82
CA CYS A 188 0.32 -13.88 6.07
CA CYS A 188 0.48 -13.90 6.15
C CYS A 188 0.02 -15.04 7.05
N HIS A 189 0.57 -15.05 8.27
CA HIS A 189 0.22 -16.08 9.22
C HIS A 189 -1.24 -15.96 9.65
N GLN A 190 -1.65 -14.77 10.00
CA GLN A 190 -3.06 -14.62 10.42
C GLN A 190 -4.03 -15.01 9.32
N SER A 191 -3.63 -14.85 8.07
N SER A 191 -3.62 -14.83 8.07
CA SER A 191 -4.52 -15.22 6.98
CA SER A 191 -4.47 -15.28 6.98
C SER A 191 -4.70 -16.74 6.91
C SER A 191 -4.83 -16.77 7.12
N ILE A 192 -3.81 -17.56 7.41
CA ILE A 192 -3.99 -19.02 7.43
C ILE A 192 -4.93 -19.41 8.55
N VAL A 193 -4.94 -18.68 9.64
CA VAL A 193 -5.76 -19.12 10.76
C VAL A 193 -7.11 -18.43 10.73
N ALA A 194 -7.42 -17.53 9.83
CA ALA A 194 -8.73 -16.89 9.73
C ALA A 194 -9.82 -17.78 9.26
N GLU A 195 -10.97 -17.63 9.84
CA GLU A 195 -12.04 -18.44 9.28
CA GLU A 195 -12.17 -18.39 9.60
C GLU A 195 -13.18 -17.54 8.87
N PRO A 196 -14.04 -18.04 8.02
CA PRO A 196 -15.12 -17.19 7.58
C PRO A 196 -16.00 -16.77 8.74
N LEU A 197 -16.41 -15.50 8.65
CA LEU A 197 -17.17 -14.80 9.63
C LEU A 197 -18.64 -14.82 9.29
N SER A 198 -19.44 -14.34 10.27
CA SER A 198 -20.86 -14.28 10.15
C SER A 198 -21.23 -13.21 9.10
N GLU A 199 -22.46 -13.25 8.65
CA GLU A 199 -22.89 -12.25 7.67
C GLU A 199 -22.79 -10.85 8.30
N ALA A 200 -23.16 -10.65 9.55
CA ALA A 200 -23.08 -9.31 10.14
C ALA A 200 -21.68 -8.86 10.29
N GLN A 201 -20.78 -9.74 10.66
CA GLN A 201 -19.39 -9.37 10.78
C GLN A 201 -18.78 -9.08 9.42
N THR A 202 -19.13 -9.88 8.43
CA THR A 202 -18.64 -9.63 7.07
C THR A 202 -19.02 -8.24 6.64
N LEU A 203 -20.28 -7.86 6.88
CA LEU A 203 -20.74 -6.58 6.53
C LEU A 203 -20.01 -5.47 7.24
N GLU A 204 -19.73 -5.64 8.53
CA GLU A 204 -18.91 -4.68 9.27
C GLU A 204 -17.55 -4.46 8.62
N HIS A 205 -16.89 -5.56 8.29
CA HIS A 205 -15.58 -5.46 7.65
C HIS A 205 -15.64 -4.84 6.27
N ARG A 206 -16.68 -5.12 5.54
CA ARG A 206 -16.85 -4.46 4.23
C ARG A 206 -16.94 -2.97 4.41
N GLN A 207 -17.74 -2.52 5.39
CA GLN A 207 -17.88 -1.11 5.72
CA GLN A 207 -17.85 -1.07 5.56
C GLN A 207 -16.52 -0.49 6.00
N GLY A 208 -15.73 -1.16 6.81
CA GLY A 208 -14.45 -0.63 7.13
C GLY A 208 -13.56 -0.45 5.92
N GLN A 209 -13.62 -1.38 5.02
CA GLN A 209 -12.82 -1.27 3.81
C GLN A 209 -13.29 -0.18 2.90
N ILE A 210 -14.58 0.02 2.77
CA ILE A 210 -15.13 1.15 2.01
C ILE A 210 -14.67 2.48 2.60
N HIS A 211 -14.76 2.62 3.92
CA HIS A 211 -14.34 3.85 4.56
C HIS A 211 -12.88 4.12 4.32
N TYR A 212 -12.05 3.08 4.39
CA TYR A 212 -10.63 3.20 4.16
C TYR A 212 -10.37 3.79 2.76
N CYS A 213 -11.00 3.22 1.75
CA CYS A 213 -10.82 3.74 0.42
C CYS A 213 -11.31 5.16 0.24
N GLN A 214 -12.46 5.48 0.84
CA GLN A 214 -12.97 6.85 0.69
C GLN A 214 -12.02 7.84 1.31
N GLN A 215 -11.42 7.49 2.43
CA GLN A 215 -10.47 8.39 3.12
C GLN A 215 -9.17 8.50 2.36
N GLN A 216 -8.67 7.40 1.82
CA GLN A 216 -7.43 7.45 1.04
C GLN A 216 -7.56 8.33 -0.15
N GLN A 217 -8.75 8.44 -0.71
CA GLN A 217 -9.00 9.28 -1.85
C GLN A 217 -8.87 10.78 -1.52
N LYS A 218 -8.79 11.12 -0.24
CA LYS A 218 -8.58 12.51 0.17
C LYS A 218 -7.14 12.92 0.09
N ASN A 219 -6.24 12.06 -0.29
CA ASN A 219 -4.84 12.41 -0.37
C ASN A 219 -4.54 13.26 -1.62
N ASP A 220 -4.50 14.57 -1.43
CA ASP A 220 -4.29 15.50 -2.51
C ASP A 220 -2.86 15.47 -3.01
N LYS A 221 -1.93 14.97 -2.22
CA LYS A 221 -0.55 14.87 -2.74
C LYS A 221 -0.46 13.85 -3.82
N THR A 222 -1.05 12.68 -3.62
CA THR A 222 -1.12 11.69 -4.69
C THR A 222 -1.87 12.22 -5.88
N ARG A 223 -3.02 12.81 -5.61
CA ARG A 223 -3.87 13.26 -6.70
C ARG A 223 -3.15 14.26 -7.56
N ARG A 224 -2.40 15.19 -6.97
N ARG A 224 -2.38 15.18 -6.97
CA ARG A 224 -1.69 16.18 -7.79
CA ARG A 224 -1.70 16.17 -7.80
C ARG A 224 -0.64 15.56 -8.67
C ARG A 224 -0.65 15.54 -8.69
N VAL A 225 0.08 14.55 -8.21
CA VAL A 225 1.04 13.87 -9.06
C VAL A 225 0.34 13.33 -10.29
N LEU A 226 -0.80 12.66 -10.06
CA LEU A 226 -1.51 12.09 -11.18
C LEU A 226 -2.05 13.16 -12.12
N GLU A 227 -2.60 14.21 -11.54
CA GLU A 227 -3.20 15.28 -12.33
C GLU A 227 -2.16 16.01 -13.20
N LYS A 228 -0.97 16.19 -12.68
CA LYS A 228 0.05 16.92 -13.47
C LYS A 228 0.46 16.17 -14.72
N ALA A 229 0.33 14.86 -14.72
CA ALA A 229 0.70 14.04 -15.86
C ALA A 229 -0.46 13.65 -16.74
N PHE A 230 -1.65 13.55 -16.19
CA PHE A 230 -2.78 12.98 -16.91
C PHE A 230 -4.05 13.82 -16.87
N GLY A 231 -4.15 14.78 -15.95
CA GLY A 231 -5.35 15.64 -15.85
C GLY A 231 -6.33 15.13 -14.80
N GLU A 232 -7.26 16.02 -14.47
CA GLU A 232 -8.20 15.78 -13.38
C GLU A 232 -9.07 14.56 -13.59
N ALA A 233 -9.65 14.43 -14.76
CA ALA A 233 -10.58 13.33 -14.99
C ALA A 233 -9.87 12.00 -14.89
N TRP A 234 -8.70 11.90 -15.52
CA TRP A 234 -7.92 10.65 -15.45
C TRP A 234 -7.59 10.36 -14.02
N ALA A 235 -7.12 11.35 -13.25
CA ALA A 235 -6.71 11.15 -11.90
C ALA A 235 -7.84 10.68 -11.03
N GLU A 236 -9.05 11.23 -11.24
CA GLU A 236 -10.20 10.82 -10.46
C GLU A 236 -10.54 9.37 -10.76
N ARG A 237 -10.50 8.98 -12.03
CA ARG A 237 -10.73 7.58 -12.39
CA ARG A 237 -10.76 7.57 -12.37
C ARG A 237 -9.69 6.69 -11.77
N TYR A 238 -8.42 7.10 -11.84
CA TYR A 238 -7.36 6.25 -11.29
C TYR A 238 -7.50 6.06 -9.80
N MET A 239 -7.71 7.15 -9.08
CA MET A 239 -7.83 7.11 -7.63
CA MET A 239 -7.78 7.00 -7.64
C MET A 239 -9.00 6.23 -7.21
N SER A 240 -10.12 6.41 -7.90
CA SER A 240 -11.35 5.75 -7.44
C SER A 240 -11.57 4.38 -8.04
N GLN A 241 -10.89 4.04 -9.12
CA GLN A 241 -11.11 2.77 -9.79
CA GLN A 241 -11.13 2.75 -9.77
C GLN A 241 -9.90 1.85 -9.75
N VAL A 242 -8.70 2.39 -9.72
CA VAL A 242 -7.47 1.59 -9.73
C VAL A 242 -6.89 1.52 -8.34
N LEU A 243 -6.61 2.64 -7.66
CA LEU A 243 -5.95 2.64 -6.38
C LEU A 243 -6.84 2.25 -5.23
N PHE A 244 -7.94 2.96 -5.06
CA PHE A 244 -8.80 2.86 -3.87
C PHE A 244 -10.23 2.63 -4.26
N ASP A 245 -10.49 1.48 -4.89
CA ASP A 245 -11.80 1.16 -5.38
C ASP A 245 -12.75 0.76 -4.24
N VAL A 246 -13.93 1.30 -4.27
CA VAL A 246 -14.93 1.20 -3.22
C VAL A 246 -15.73 0.00 -3.59
N ILE A 247 -15.75 -0.95 -2.64
CA ILE A 247 -16.46 -2.20 -2.96
C ILE A 247 -17.97 -2.22 -2.64
CHA BLA B . 2.05 11.02 0.80
NA BLA B . 2.12 10.11 -1.51
C1A BLA B . 2.43 11.02 -0.55
C2A BLA B . 3.15 12.06 -1.21
C3A BLA B . 3.20 11.82 -2.51
C4A BLA B . 2.57 10.56 -2.80
CMA BLA B . 3.82 12.62 -3.62
CAA BLA B . 3.80 13.21 -0.43
CBA BLA B . 5.17 12.80 0.06
CGA BLA B . 5.81 13.71 1.13
O1A BLA B . 5.08 14.56 1.67
O2A BLA B . 7.02 13.55 1.42
CHB BLA B . 2.47 9.97 -4.03
NB BLA B . 1.27 7.82 -3.50
C1B BLA B . 1.85 8.75 -4.41
C2B BLA B . 1.69 8.33 -5.72
C3B BLA B . 0.96 7.12 -5.66
C4B BLA B . 0.74 6.78 -4.32
CMB BLA B . 2.10 9.11 -6.96
OB BLA B . 0.10 5.82 -3.81
CAB BLA B . 0.46 6.25 -6.76
CBB BLA B . 0.40 6.57 -8.12
NC BLA B . -0.74 6.33 0.43
C1C BLA B . -1.05 5.10 -0.18
C2C BLA B . -1.17 4.14 0.83
C3C BLA B . -0.94 4.75 2.02
C4C BLA B . -0.62 6.14 1.82
CMC BLA B . -1.57 2.69 0.50
OC BLA B . -1.23 5.03 -1.47
CAC BLA B . -0.86 4.19 3.38
CBC BLA B . -0.94 2.87 3.71
CHD BLA B . -0.36 7.12 2.73
ND BLA B . 0.80 8.87 1.38
C1D BLA B . 0.20 8.41 2.50
C2D BLA B . 0.20 9.46 3.44
C3D BLA B . 0.89 10.50 2.94
C4D BLA B . 1.31 10.18 1.63
CMD BLA B . -0.37 9.41 4.86
CAD BLA B . 1.14 11.86 3.57
CBD BLA B . 0.11 12.86 3.08
CGD BLA B . 0.32 14.25 3.56
O1D BLA B . -0.66 15.06 3.49
O2D BLA B . 1.48 14.60 3.94
#